data_1E7C
#
_entry.id   1E7C
#
_cell.length_a   188.910
_cell.length_b   39.080
_cell.length_c   96.690
_cell.angle_alpha   90.00
_cell.angle_beta   105.41
_cell.angle_gamma   90.00
#
_symmetry.space_group_name_H-M   'C 1 2 1'
#
loop_
_entity.id
_entity.type
_entity.pdbx_description
1 polymer 'SERUM ALBUMIN'
2 non-polymer 'MYRISTIC ACID'
3 non-polymer 2-BROMO-2-CHLORO-1,1,1-TRIFLUOROETHANE
4 water water
#
_entity_poly.entity_id   1
_entity_poly.type   'polypeptide(L)'
_entity_poly.pdbx_seq_one_letter_code
;DAHKSEVAHRFKDLGEENFKALVLIAFAQYLQQCPFEDHVKLVNEVTEFAKTCVADESAENCDKSLHTLFGDKLCTVATL
RETYGEMADCCAKQEPERNECFLQHKDDNPNLPRLVRPEVDVMCTAFHDNEETFLKKYLYEIARRHPYFYAPELLFFAKR
YKAAFTECCQAADKAACLLPKLDELRDEGKASSAKQRLKCASLQKFGERAFKAWAVARLSQRFPKAEFAEVSKLVTDLTK
VHTECCHGDLLECADDRADLAKYICENQDSISSKLKECCEKPLLEKSHCIAEVENDEMPADLPSLAADFVESKDVCKNYA
EAKDVFLGMFLYEYARRHPDYSVVLLLRLAKTYETTLEKCCAAADPHECYAKVFDEFKPLVEEPQNLIKQNCELFEQLGE
YKFQNALLVRYTKKVPQVSTPTLVEVSRNLGKVGSKCCKHPEAKRMPCAEDYLSVVLNQLCVLHEKTPVSDRVTKCCTES
LVNRRPCFSALEVDETYVPKEFNAETFTFHADICTLSEKERQIKKQTALVELVKHKPKATKEQLKAVMDDFAAFVEKCCK
ADDKETCFAEEGKKLVAASQAALGL
;
_entity_poly.pdbx_strand_id   A
#
loop_
_chem_comp.id
_chem_comp.type
_chem_comp.name
_chem_comp.formula
HLT non-polymer 2-BROMO-2-CHLORO-1,1,1-TRIFLUOROETHANE 'C2 H Br Cl F3'
MYR non-polymer 'MYRISTIC ACID' 'C14 H28 O2'
#
# COMPACT_ATOMS: atom_id res chain seq x y z
N HIS A 3 15.28 -21.06 -26.38
CA HIS A 3 14.87 -22.44 -26.61
C HIS A 3 13.96 -22.55 -27.83
N LYS A 4 13.61 -23.77 -28.19
CA LYS A 4 12.75 -23.99 -29.35
C LYS A 4 11.28 -23.83 -28.99
N SER A 5 10.97 -24.07 -27.71
CA SER A 5 9.60 -23.94 -27.24
C SER A 5 9.52 -23.08 -25.98
N GLU A 6 8.96 -21.90 -26.13
CA GLU A 6 8.82 -20.98 -25.01
C GLU A 6 7.85 -21.53 -23.97
N VAL A 7 6.77 -22.15 -24.45
CA VAL A 7 5.74 -22.75 -23.60
C VAL A 7 6.29 -23.88 -22.74
N ALA A 8 6.88 -24.87 -23.42
CA ALA A 8 7.43 -26.03 -22.73
C ALA A 8 8.42 -25.56 -21.66
N HIS A 9 9.13 -24.48 -21.95
CA HIS A 9 10.12 -23.94 -21.02
C HIS A 9 9.51 -23.39 -19.74
N ARG A 10 8.48 -22.56 -19.86
CA ARG A 10 7.83 -21.98 -18.68
C ARG A 10 7.16 -23.09 -17.86
N PHE A 11 6.60 -24.09 -18.53
CA PHE A 11 5.95 -25.19 -17.84
C PHE A 11 6.97 -25.90 -16.98
N LYS A 12 8.05 -26.33 -17.62
CA LYS A 12 9.14 -27.06 -16.97
C LYS A 12 9.63 -26.46 -15.66
N ASP A 13 9.84 -25.15 -15.59
CA ASP A 13 10.32 -24.62 -14.32
C ASP A 13 9.20 -24.09 -13.41
N LEU A 14 8.07 -23.72 -14.00
CA LEU A 14 6.98 -23.21 -13.18
C LEU A 14 6.37 -24.40 -12.43
N GLY A 15 6.12 -25.48 -13.17
CA GLY A 15 5.50 -26.66 -12.60
C GLY A 15 4.05 -26.65 -13.05
N GLU A 16 3.42 -27.81 -13.17
CA GLU A 16 2.03 -27.87 -13.62
C GLU A 16 1.06 -27.07 -12.75
N GLU A 17 1.15 -27.24 -11.44
CA GLU A 17 0.28 -26.54 -10.49
C GLU A 17 0.33 -25.01 -10.59
N ASN A 18 1.53 -24.45 -10.58
CA ASN A 18 1.68 -23.00 -10.67
C ASN A 18 1.33 -22.52 -12.08
N PHE A 19 1.70 -23.31 -13.08
CA PHE A 19 1.40 -22.94 -14.45
C PHE A 19 -0.10 -22.72 -14.62
N LYS A 20 -0.88 -23.73 -14.23
CA LYS A 20 -2.35 -23.67 -14.32
C LYS A 20 -2.97 -22.48 -13.58
N ALA A 21 -2.52 -22.23 -12.36
CA ALA A 21 -3.05 -21.11 -11.60
C ALA A 21 -2.70 -19.76 -12.21
N LEU A 22 -1.53 -19.67 -12.83
CA LEU A 22 -1.13 -18.40 -13.43
C LEU A 22 -1.88 -18.18 -14.73
N VAL A 23 -2.11 -19.25 -15.48
CA VAL A 23 -2.85 -19.12 -16.73
C VAL A 23 -4.24 -18.55 -16.38
N LEU A 24 -4.88 -19.14 -15.38
CA LEU A 24 -6.20 -18.69 -14.98
C LEU A 24 -6.20 -17.21 -14.63
N ILE A 25 -5.29 -16.81 -13.76
CA ILE A 25 -5.22 -15.41 -13.35
C ILE A 25 -5.03 -14.48 -14.55
N ALA A 26 -4.23 -14.94 -15.50
CA ALA A 26 -3.92 -14.18 -16.71
C ALA A 26 -5.14 -13.93 -17.58
N PHE A 27 -5.90 -14.97 -17.85
CA PHE A 27 -7.09 -14.85 -18.65
C PHE A 27 -8.16 -14.06 -17.91
N ALA A 28 -8.25 -14.24 -16.59
CA ALA A 28 -9.25 -13.54 -15.81
C ALA A 28 -9.01 -12.03 -15.82
N GLN A 29 -7.74 -11.63 -15.90
CA GLN A 29 -7.39 -10.22 -15.91
C GLN A 29 -7.66 -9.53 -17.26
N TYR A 30 -7.83 -10.30 -18.32
CA TYR A 30 -8.12 -9.76 -19.64
C TYR A 30 -9.62 -9.89 -19.94
N LEU A 31 -10.12 -11.13 -19.98
CA LEU A 31 -11.52 -11.39 -20.23
C LEU A 31 -12.28 -11.35 -18.92
N GLN A 32 -12.40 -10.17 -18.34
CA GLN A 32 -13.07 -10.00 -17.07
C GLN A 32 -14.59 -10.19 -17.08
N GLN A 33 -15.17 -10.52 -18.25
CA GLN A 33 -16.62 -10.65 -18.34
C GLN A 33 -17.04 -12.11 -18.50
N CYS A 34 -16.18 -13.00 -18.93
CA CYS A 34 -16.54 -14.40 -19.13
C CYS A 34 -16.76 -15.14 -17.82
N PRO A 35 -17.65 -16.15 -17.82
CA PRO A 35 -17.94 -16.94 -16.63
C PRO A 35 -16.81 -17.88 -16.25
N PHE A 36 -16.68 -18.14 -14.96
CA PHE A 36 -15.64 -19.01 -14.44
C PHE A 36 -15.50 -20.32 -15.22
N GLU A 37 -16.62 -20.98 -15.50
CA GLU A 37 -16.56 -22.25 -16.22
C GLU A 37 -15.91 -22.09 -17.60
N ASP A 38 -15.98 -20.89 -18.15
CA ASP A 38 -15.39 -20.62 -19.46
C ASP A 38 -13.87 -20.65 -19.39
N HIS A 39 -13.30 -19.97 -18.40
CA HIS A 39 -11.87 -19.92 -18.19
C HIS A 39 -11.28 -21.29 -17.90
N VAL A 40 -11.90 -22.04 -17.00
CA VAL A 40 -11.44 -23.36 -16.68
C VAL A 40 -11.25 -24.15 -17.97
N LYS A 41 -12.11 -23.91 -18.94
CA LYS A 41 -12.04 -24.59 -20.21
C LYS A 41 -10.74 -24.23 -20.93
N LEU A 42 -10.43 -22.93 -20.95
CA LEU A 42 -9.24 -22.41 -21.60
C LEU A 42 -7.97 -22.93 -20.92
N VAL A 43 -7.87 -22.72 -19.61
CA VAL A 43 -6.72 -23.18 -18.86
C VAL A 43 -6.40 -24.62 -19.18
N ASN A 44 -7.42 -25.47 -19.20
CA ASN A 44 -7.23 -26.89 -19.53
C ASN A 44 -6.74 -27.05 -20.94
N GLU A 45 -7.29 -26.24 -21.83
CA GLU A 45 -6.92 -26.27 -23.25
C GLU A 45 -5.44 -25.91 -23.41
N VAL A 46 -5.03 -24.83 -22.74
CA VAL A 46 -3.66 -24.35 -22.81
C VAL A 46 -2.70 -25.31 -22.11
N THR A 47 -3.12 -25.86 -20.98
CA THR A 47 -2.31 -26.79 -20.21
C THR A 47 -2.02 -28.06 -20.97
N GLU A 48 -3.03 -28.60 -21.65
CA GLU A 48 -2.82 -29.81 -22.42
C GLU A 48 -1.88 -29.52 -23.59
N PHE A 49 -1.92 -28.29 -24.11
CA PHE A 49 -1.04 -27.91 -25.21
C PHE A 49 0.38 -27.92 -24.68
N ALA A 50 0.61 -27.15 -23.62
CA ALA A 50 1.92 -27.06 -22.99
C ALA A 50 2.54 -28.45 -22.81
N LYS A 51 1.75 -29.39 -22.32
CA LYS A 51 2.21 -30.76 -22.09
C LYS A 51 2.66 -31.42 -23.39
N THR A 52 2.07 -30.99 -24.49
CA THR A 52 2.43 -31.55 -25.78
C THR A 52 3.84 -31.12 -26.16
N CYS A 53 4.13 -29.84 -25.94
CA CYS A 53 5.42 -29.26 -26.25
C CYS A 53 6.53 -29.82 -25.37
N VAL A 54 6.21 -30.05 -24.10
CA VAL A 54 7.19 -30.58 -23.18
C VAL A 54 7.65 -31.97 -23.62
N ALA A 55 6.81 -32.66 -24.38
CA ALA A 55 7.12 -34.01 -24.86
C ALA A 55 7.86 -33.96 -26.18
N ASP A 56 7.63 -32.91 -26.96
CA ASP A 56 8.26 -32.73 -28.26
C ASP A 56 8.20 -31.24 -28.62
N GLU A 57 9.28 -30.52 -28.31
CA GLU A 57 9.35 -29.08 -28.57
C GLU A 57 9.11 -28.73 -30.04
N SER A 58 8.99 -29.75 -30.87
CA SER A 58 8.78 -29.55 -32.30
C SER A 58 7.32 -29.64 -32.71
N ALA A 59 6.48 -30.16 -31.82
CA ALA A 59 5.05 -30.29 -32.11
C ALA A 59 4.56 -28.96 -32.67
N GLU A 60 3.70 -29.03 -33.68
CA GLU A 60 3.17 -27.83 -34.33
C GLU A 60 2.83 -26.72 -33.33
N ASN A 61 3.17 -25.49 -33.70
CA ASN A 61 2.92 -24.30 -32.90
C ASN A 61 3.72 -24.19 -31.63
N CYS A 62 4.36 -25.27 -31.21
CA CYS A 62 5.15 -25.23 -30.00
C CYS A 62 6.24 -24.16 -30.08
N ASP A 63 6.55 -23.72 -31.30
CA ASP A 63 7.58 -22.72 -31.54
C ASP A 63 7.09 -21.28 -31.45
N LYS A 64 5.78 -21.06 -31.57
CA LYS A 64 5.22 -19.71 -31.51
C LYS A 64 5.59 -18.99 -30.20
N SER A 65 5.55 -17.67 -30.22
CA SER A 65 5.87 -16.90 -29.02
C SER A 65 4.68 -16.93 -28.06
N LEU A 66 4.92 -16.69 -26.77
CA LEU A 66 3.84 -16.70 -25.77
C LEU A 66 2.81 -15.61 -26.06
N HIS A 67 3.27 -14.42 -26.45
CA HIS A 67 2.36 -13.32 -26.76
C HIS A 67 1.47 -13.73 -27.93
N THR A 68 2.05 -14.47 -28.87
CA THR A 68 1.33 -14.91 -30.06
C THR A 68 0.31 -15.97 -29.71
N LEU A 69 0.76 -16.99 -28.99
CA LEU A 69 -0.13 -18.06 -28.59
C LEU A 69 -1.25 -17.47 -27.73
N PHE A 70 -0.89 -16.61 -26.79
CA PHE A 70 -1.86 -15.98 -25.91
C PHE A 70 -2.91 -15.19 -26.69
N GLY A 71 -2.47 -14.25 -27.50
CA GLY A 71 -3.39 -13.45 -28.28
C GLY A 71 -4.26 -14.30 -29.18
N ASP A 72 -3.69 -15.35 -29.75
CA ASP A 72 -4.44 -16.25 -30.64
C ASP A 72 -5.62 -16.88 -29.93
N LYS A 73 -5.38 -17.39 -28.73
CA LYS A 73 -6.42 -18.01 -27.94
C LYS A 73 -7.48 -17.00 -27.54
N LEU A 74 -7.03 -15.78 -27.22
CA LEU A 74 -7.95 -14.72 -26.81
C LEU A 74 -8.95 -14.39 -27.90
N CYS A 75 -8.49 -14.42 -29.16
CA CYS A 75 -9.35 -14.11 -30.29
C CYS A 75 -10.22 -15.30 -30.67
N THR A 76 -10.05 -16.41 -29.95
CA THR A 76 -10.82 -17.60 -30.20
C THR A 76 -12.21 -17.44 -29.58
N VAL A 77 -12.29 -16.64 -28.52
CA VAL A 77 -13.54 -16.37 -27.84
C VAL A 77 -14.60 -15.87 -28.84
N ALA A 78 -15.65 -16.67 -29.02
CA ALA A 78 -16.75 -16.38 -29.96
C ALA A 78 -17.59 -15.14 -29.69
N THR A 79 -17.97 -14.93 -28.44
CA THR A 79 -18.79 -13.77 -28.09
C THR A 79 -17.92 -12.54 -27.86
N LEU A 80 -16.62 -12.68 -28.11
CA LEU A 80 -15.68 -11.59 -27.92
C LEU A 80 -16.21 -10.22 -28.34
N ARG A 81 -16.70 -10.14 -29.57
CA ARG A 81 -17.24 -8.90 -30.11
C ARG A 81 -18.54 -8.51 -29.42
N GLU A 82 -19.42 -9.49 -29.22
CA GLU A 82 -20.70 -9.23 -28.59
C GLU A 82 -20.56 -8.85 -27.11
N THR A 83 -19.59 -9.45 -26.43
CA THR A 83 -19.39 -9.17 -25.01
C THR A 83 -18.48 -7.98 -24.72
N TYR A 84 -17.37 -7.88 -25.45
CA TYR A 84 -16.42 -6.80 -25.20
C TYR A 84 -16.38 -5.72 -26.27
N GLY A 85 -16.91 -6.02 -27.45
CA GLY A 85 -16.95 -5.03 -28.53
C GLY A 85 -15.62 -4.54 -29.10
N GLU A 86 -15.32 -3.27 -28.82
CA GLU A 86 -14.09 -2.63 -29.31
C GLU A 86 -12.86 -3.53 -29.24
N MET A 87 -12.71 -4.23 -28.11
CA MET A 87 -11.57 -5.11 -27.92
C MET A 87 -11.42 -6.15 -29.02
N ALA A 88 -12.55 -6.56 -29.60
CA ALA A 88 -12.52 -7.56 -30.66
C ALA A 88 -11.80 -7.05 -31.89
N ASP A 89 -11.70 -5.72 -32.00
CA ASP A 89 -11.02 -5.13 -33.15
C ASP A 89 -9.49 -5.33 -33.05
N CYS A 90 -9.01 -5.56 -31.83
CA CYS A 90 -7.59 -5.80 -31.59
C CYS A 90 -7.16 -7.01 -32.41
N CYS A 91 -8.06 -7.97 -32.55
CA CYS A 91 -7.77 -9.19 -33.27
C CYS A 91 -7.50 -8.98 -34.73
N ALA A 92 -7.77 -7.79 -35.24
CA ALA A 92 -7.52 -7.52 -36.64
C ALA A 92 -6.07 -7.10 -36.88
N LYS A 93 -5.37 -6.74 -35.80
CA LYS A 93 -3.97 -6.31 -35.92
C LYS A 93 -2.98 -7.47 -35.91
N GLN A 94 -1.71 -7.14 -36.16
CA GLN A 94 -0.64 -8.15 -36.16
C GLN A 94 0.06 -8.06 -34.81
N GLU A 95 0.51 -9.21 -34.32
CA GLU A 95 1.13 -9.32 -32.99
C GLU A 95 1.81 -8.14 -32.33
N PRO A 96 2.60 -7.36 -33.08
CA PRO A 96 3.16 -6.26 -32.28
C PRO A 96 2.04 -5.43 -31.63
N GLU A 97 1.13 -4.91 -32.46
CA GLU A 97 0.03 -4.08 -32.00
C GLU A 97 -1.13 -4.82 -31.34
N ARG A 98 -1.45 -6.02 -31.83
CA ARG A 98 -2.57 -6.76 -31.27
C ARG A 98 -2.54 -6.81 -29.74
N ASN A 99 -1.44 -7.35 -29.20
CA ASN A 99 -1.28 -7.47 -27.76
C ASN A 99 -1.29 -6.13 -27.06
N GLU A 100 -0.67 -5.16 -27.71
CA GLU A 100 -0.64 -3.77 -27.21
C GLU A 100 -2.08 -3.24 -27.14
N CYS A 101 -2.88 -3.65 -28.11
CA CYS A 101 -4.28 -3.27 -28.17
C CYS A 101 -5.03 -3.87 -26.98
N PHE A 102 -4.75 -5.13 -26.67
CA PHE A 102 -5.40 -5.80 -25.56
C PHE A 102 -5.11 -5.13 -24.23
N LEU A 103 -3.86 -4.75 -24.03
CA LEU A 103 -3.44 -4.08 -22.80
C LEU A 103 -4.26 -2.79 -22.61
N GLN A 104 -4.44 -2.08 -23.72
CA GLN A 104 -5.18 -0.82 -23.72
C GLN A 104 -6.61 -0.92 -23.19
N HIS A 105 -7.33 -1.93 -23.69
CA HIS A 105 -8.72 -2.14 -23.32
C HIS A 105 -8.90 -2.93 -22.03
N LYS A 106 -8.01 -2.70 -21.07
CA LYS A 106 -8.09 -3.39 -19.79
C LYS A 106 -8.74 -2.43 -18.81
N ASP A 107 -9.83 -2.87 -18.19
CA ASP A 107 -10.57 -2.04 -17.24
C ASP A 107 -10.01 -2.12 -15.82
N ASP A 108 -9.41 -1.03 -15.32
CA ASP A 108 -8.81 -1.00 -14.01
C ASP A 108 -9.87 -0.98 -12.92
N ASN A 109 -11.07 -0.50 -13.19
CA ASN A 109 -12.15 -0.44 -12.21
C ASN A 109 -13.48 -0.82 -12.84
N PRO A 110 -13.68 -2.13 -13.09
CA PRO A 110 -14.91 -2.65 -13.69
C PRO A 110 -16.08 -2.48 -12.73
N ASN A 111 -17.30 -2.57 -13.23
CA ASN A 111 -18.43 -2.43 -12.33
C ASN A 111 -19.05 -3.79 -12.08
N LEU A 112 -18.44 -4.49 -11.13
CA LEU A 112 -18.86 -5.81 -10.71
C LEU A 112 -19.35 -5.63 -9.28
N PRO A 113 -20.20 -6.53 -8.80
CA PRO A 113 -20.72 -6.41 -7.43
C PRO A 113 -19.65 -6.66 -6.37
N ARG A 114 -19.75 -5.95 -5.25
CA ARG A 114 -18.78 -6.15 -4.17
C ARG A 114 -18.87 -7.61 -3.71
N LEU A 115 -17.71 -8.22 -3.46
CA LEU A 115 -17.65 -9.61 -3.03
C LEU A 115 -17.94 -9.72 -1.53
N VAL A 116 -19.06 -10.35 -1.19
CA VAL A 116 -19.46 -10.51 0.20
C VAL A 116 -18.81 -11.75 0.82
N ARG A 117 -18.41 -11.63 2.08
CA ARG A 117 -17.79 -12.73 2.82
C ARG A 117 -18.86 -13.66 3.43
N PRO A 118 -18.95 -14.91 2.97
CA PRO A 118 -19.93 -15.89 3.48
C PRO A 118 -19.70 -16.29 4.94
N GLU A 119 -20.48 -17.26 5.42
CA GLU A 119 -20.37 -17.74 6.78
C GLU A 119 -19.27 -18.78 6.95
N VAL A 120 -18.46 -18.59 7.97
CA VAL A 120 -17.35 -19.49 8.27
C VAL A 120 -17.69 -20.94 7.96
N ASP A 121 -18.83 -21.38 8.47
CA ASP A 121 -19.24 -22.76 8.28
C ASP A 121 -19.57 -23.12 6.85
N VAL A 122 -20.13 -22.16 6.11
CA VAL A 122 -20.46 -22.41 4.72
C VAL A 122 -19.14 -22.47 3.94
N MET A 123 -18.23 -21.56 4.29
CA MET A 123 -16.92 -21.50 3.67
C MET A 123 -16.15 -22.78 3.89
N CYS A 124 -15.98 -23.14 5.16
CA CYS A 124 -15.27 -24.36 5.54
C CYS A 124 -15.84 -25.63 4.92
N THR A 125 -17.13 -25.62 4.63
CA THR A 125 -17.77 -26.78 4.04
C THR A 125 -17.52 -26.85 2.56
N ALA A 126 -17.51 -25.69 1.90
CA ALA A 126 -17.26 -25.63 0.47
C ALA A 126 -15.83 -26.08 0.25
N PHE A 127 -14.97 -25.59 1.13
CA PHE A 127 -13.55 -25.89 1.13
C PHE A 127 -13.36 -27.40 1.18
N HIS A 128 -13.89 -28.03 2.22
CA HIS A 128 -13.80 -29.47 2.41
C HIS A 128 -14.30 -30.30 1.22
N ASP A 129 -15.46 -29.94 0.68
CA ASP A 129 -16.02 -30.68 -0.44
C ASP A 129 -15.15 -30.57 -1.69
N ASN A 130 -15.13 -29.39 -2.30
CA ASN A 130 -14.33 -29.18 -3.50
C ASN A 130 -13.32 -28.07 -3.23
N GLU A 131 -12.21 -28.44 -2.59
CA GLU A 131 -11.17 -27.50 -2.23
C GLU A 131 -10.60 -26.68 -3.38
N GLU A 132 -10.31 -27.34 -4.49
CA GLU A 132 -9.73 -26.65 -5.64
C GLU A 132 -10.65 -25.63 -6.29
N THR A 133 -11.81 -26.07 -6.75
CA THR A 133 -12.72 -25.13 -7.39
C THR A 133 -13.14 -24.03 -6.42
N PHE A 134 -13.01 -24.29 -5.13
CA PHE A 134 -13.36 -23.27 -4.15
C PHE A 134 -12.35 -22.14 -4.19
N LEU A 135 -11.07 -22.50 -4.21
CA LEU A 135 -9.99 -21.50 -4.24
C LEU A 135 -9.80 -20.87 -5.63
N LYS A 136 -9.94 -21.67 -6.68
CA LYS A 136 -9.78 -21.17 -8.04
C LYS A 136 -10.92 -20.25 -8.42
N LYS A 137 -12.10 -20.51 -7.86
CA LYS A 137 -13.27 -19.70 -8.16
C LYS A 137 -13.10 -18.34 -7.54
N TYR A 138 -12.48 -18.30 -6.37
CA TYR A 138 -12.25 -17.04 -5.67
C TYR A 138 -11.01 -16.33 -6.21
N LEU A 139 -10.08 -17.12 -6.73
CA LEU A 139 -8.87 -16.57 -7.30
C LEU A 139 -9.33 -15.79 -8.53
N TYR A 140 -10.22 -16.41 -9.31
CA TYR A 140 -10.76 -15.80 -10.51
C TYR A 140 -11.56 -14.52 -10.23
N GLU A 141 -12.27 -14.48 -9.10
CA GLU A 141 -13.07 -13.31 -8.74
C GLU A 141 -12.23 -12.11 -8.31
N ILE A 142 -11.12 -12.38 -7.63
CA ILE A 142 -10.23 -11.30 -7.20
C ILE A 142 -9.46 -10.76 -8.41
N ALA A 143 -9.04 -11.66 -9.29
CA ALA A 143 -8.29 -11.31 -10.49
C ALA A 143 -9.04 -10.40 -11.46
N ARG A 144 -10.26 -10.77 -11.84
CA ARG A 144 -11.02 -9.95 -12.76
C ARG A 144 -11.32 -8.55 -12.19
N ARG A 145 -11.28 -8.42 -10.86
CA ARG A 145 -11.56 -7.14 -10.22
C ARG A 145 -10.29 -6.28 -10.04
N HIS A 146 -9.12 -6.92 -10.10
CA HIS A 146 -7.83 -6.24 -9.97
C HIS A 146 -6.97 -6.70 -11.15
N PRO A 147 -7.25 -6.19 -12.35
CA PRO A 147 -6.54 -6.55 -13.59
C PRO A 147 -5.07 -6.22 -13.62
N TYR A 148 -4.65 -5.27 -12.78
CA TYR A 148 -3.26 -4.87 -12.77
C TYR A 148 -2.44 -5.39 -11.60
N PHE A 149 -2.99 -6.32 -10.84
CA PHE A 149 -2.25 -6.88 -9.70
C PHE A 149 -1.28 -7.93 -10.26
N TYR A 150 0.00 -7.76 -9.97
CA TYR A 150 1.04 -8.68 -10.45
C TYR A 150 0.64 -10.14 -10.17
N ALA A 151 0.34 -10.89 -11.23
CA ALA A 151 -0.10 -12.29 -11.12
C ALA A 151 0.64 -13.14 -10.10
N PRO A 152 1.96 -13.31 -10.23
CA PRO A 152 2.71 -14.13 -9.26
C PRO A 152 2.48 -13.74 -7.80
N GLU A 153 2.18 -12.47 -7.54
CA GLU A 153 1.96 -12.05 -6.16
C GLU A 153 0.54 -12.37 -5.69
N LEU A 154 -0.38 -12.40 -6.64
CA LEU A 154 -1.76 -12.73 -6.34
C LEU A 154 -1.76 -14.20 -5.97
N LEU A 155 -0.91 -14.96 -6.65
CA LEU A 155 -0.77 -16.39 -6.40
C LEU A 155 -0.18 -16.65 -5.00
N PHE A 156 0.71 -15.76 -4.55
CA PHE A 156 1.35 -15.89 -3.25
C PHE A 156 0.33 -15.67 -2.13
N PHE A 157 -0.67 -14.84 -2.38
CA PHE A 157 -1.72 -14.57 -1.40
C PHE A 157 -2.66 -15.77 -1.38
N ALA A 158 -2.92 -16.31 -2.57
CA ALA A 158 -3.79 -17.45 -2.71
C ALA A 158 -3.35 -18.57 -1.78
N LYS A 159 -2.07 -18.89 -1.84
CA LYS A 159 -1.52 -19.95 -1.00
C LYS A 159 -1.65 -19.64 0.49
N ARG A 160 -1.54 -18.37 0.84
CA ARG A 160 -1.65 -17.97 2.23
C ARG A 160 -3.08 -18.13 2.73
N TYR A 161 -4.03 -18.10 1.79
CA TYR A 161 -5.43 -18.28 2.12
C TYR A 161 -5.67 -19.77 2.36
N LYS A 162 -5.16 -20.59 1.46
CA LYS A 162 -5.31 -22.04 1.56
C LYS A 162 -4.75 -22.60 2.85
N ALA A 163 -3.83 -21.86 3.47
CA ALA A 163 -3.23 -22.33 4.71
C ALA A 163 -4.12 -21.97 5.91
N ALA A 164 -4.82 -20.84 5.82
CA ALA A 164 -5.71 -20.39 6.90
C ALA A 164 -6.93 -21.30 7.02
N PHE A 165 -7.47 -21.71 5.88
CA PHE A 165 -8.63 -22.59 5.86
C PHE A 165 -8.20 -23.98 6.26
N THR A 166 -6.94 -24.29 5.94
CA THR A 166 -6.39 -25.59 6.26
C THR A 166 -6.28 -25.73 7.79
N GLU A 167 -5.77 -24.68 8.43
CA GLU A 167 -5.62 -24.69 9.87
C GLU A 167 -6.95 -24.54 10.58
N CYS A 168 -7.62 -23.41 10.34
CA CYS A 168 -8.88 -23.09 10.99
C CYS A 168 -10.11 -23.99 10.80
N CYS A 169 -10.32 -24.55 9.64
CA CYS A 169 -11.49 -25.40 9.57
C CYS A 169 -11.34 -26.72 10.50
N GLN A 170 -10.31 -26.90 11.41
CA GLN A 170 -10.13 -28.11 12.26
C GLN A 170 -10.17 -27.74 13.71
N ALA A 171 -10.22 -26.47 13.81
CA ALA A 171 -10.30 -25.91 15.08
C ALA A 171 -11.67 -26.13 15.64
N ALA A 172 -11.68 -26.21 16.96
CA ALA A 172 -12.93 -26.37 17.66
C ALA A 172 -13.70 -25.08 17.38
N ASP A 173 -12.99 -23.97 17.50
CA ASP A 173 -13.57 -22.67 17.25
C ASP A 173 -13.02 -22.10 15.94
N LYS A 174 -13.61 -22.53 14.83
CA LYS A 174 -13.21 -22.08 13.51
C LYS A 174 -13.22 -20.56 13.39
N ALA A 175 -14.41 -19.98 13.52
CA ALA A 175 -14.56 -18.53 13.42
C ALA A 175 -13.50 -17.77 14.20
N ALA A 176 -13.29 -18.12 15.46
CA ALA A 176 -12.30 -17.44 16.29
C ALA A 176 -10.91 -17.57 15.69
N CYS A 177 -10.74 -18.64 14.92
CA CYS A 177 -9.48 -18.92 14.27
C CYS A 177 -9.44 -18.15 12.94
N LEU A 178 -10.27 -18.58 12.00
CA LEU A 178 -10.34 -17.99 10.67
C LEU A 178 -10.54 -16.49 10.51
N LEU A 179 -11.64 -15.98 11.05
CA LEU A 179 -11.97 -14.56 10.92
C LEU A 179 -10.85 -13.54 11.10
N PRO A 180 -10.08 -13.64 12.20
CA PRO A 180 -9.00 -12.66 12.37
C PRO A 180 -7.90 -12.80 11.32
N LYS A 181 -7.76 -14.00 10.75
CA LYS A 181 -6.75 -14.25 9.73
C LYS A 181 -7.18 -13.62 8.41
N LEU A 182 -8.47 -13.72 8.10
CA LEU A 182 -9.00 -13.17 6.87
C LEU A 182 -8.97 -11.65 6.90
N ASP A 183 -9.23 -11.08 8.07
CA ASP A 183 -9.21 -9.62 8.18
C ASP A 183 -7.78 -9.16 7.93
N GLU A 184 -6.84 -9.93 8.45
CA GLU A 184 -5.42 -9.62 8.29
C GLU A 184 -5.04 -9.68 6.82
N LEU A 185 -5.29 -10.83 6.20
CA LEU A 185 -4.98 -11.01 4.78
C LEU A 185 -5.63 -9.91 3.94
N ARG A 186 -6.89 -9.59 4.23
CA ARG A 186 -7.60 -8.55 3.48
C ARG A 186 -6.85 -7.23 3.49
N ASP A 187 -6.50 -6.77 4.68
CA ASP A 187 -5.76 -5.52 4.81
C ASP A 187 -4.43 -5.55 4.08
N GLU A 188 -3.70 -6.66 4.20
CA GLU A 188 -2.41 -6.81 3.54
C GLU A 188 -2.51 -6.66 2.03
N GLY A 189 -3.35 -7.48 1.40
CA GLY A 189 -3.51 -7.43 -0.04
C GLY A 189 -3.97 -6.05 -0.51
N LYS A 190 -4.73 -5.37 0.33
CA LYS A 190 -5.22 -4.04 -0.01
C LYS A 190 -4.05 -3.04 0.01
N ALA A 191 -3.17 -3.19 1.00
CA ALA A 191 -2.02 -2.32 1.14
C ALA A 191 -1.09 -2.59 -0.04
N SER A 192 -0.88 -3.87 -0.34
CA SER A 192 -0.01 -4.25 -1.44
C SER A 192 -0.54 -3.68 -2.75
N SER A 193 -1.85 -3.73 -2.93
CA SER A 193 -2.46 -3.22 -4.15
C SER A 193 -2.22 -1.72 -4.28
N ALA A 194 -2.44 -1.00 -3.18
CA ALA A 194 -2.26 0.45 -3.18
C ALA A 194 -0.81 0.89 -3.45
N LYS A 195 0.14 0.25 -2.78
CA LYS A 195 1.55 0.59 -2.94
C LYS A 195 1.97 0.43 -4.38
N GLN A 196 1.53 -0.66 -5.00
CA GLN A 196 1.85 -0.97 -6.38
C GLN A 196 1.27 0.05 -7.34
N ARG A 197 0.08 0.57 -7.01
CA ARG A 197 -0.57 1.57 -7.85
C ARG A 197 0.06 2.94 -7.59
N LEU A 198 0.61 3.10 -6.40
CA LEU A 198 1.26 4.34 -5.99
C LEU A 198 2.63 4.53 -6.66
N LYS A 199 3.40 3.45 -6.75
CA LYS A 199 4.71 3.50 -7.37
C LYS A 199 4.64 3.88 -8.84
N CYS A 200 3.61 3.40 -9.53
CA CYS A 200 3.45 3.72 -10.94
C CYS A 200 2.97 5.15 -11.16
N ALA A 201 2.20 5.66 -10.21
CA ALA A 201 1.67 7.03 -10.30
C ALA A 201 2.78 8.06 -10.17
N SER A 202 3.65 7.87 -9.19
CA SER A 202 4.77 8.77 -8.94
C SER A 202 5.73 8.78 -10.10
N LEU A 203 6.05 7.59 -10.59
CA LEU A 203 6.96 7.46 -11.73
C LEU A 203 6.45 8.33 -12.86
N GLN A 204 5.13 8.36 -13.03
CA GLN A 204 4.52 9.15 -14.10
C GLN A 204 4.50 10.64 -13.77
N LYS A 205 4.02 10.97 -12.59
CA LYS A 205 3.95 12.37 -12.17
C LYS A 205 5.31 13.05 -11.99
N PHE A 206 6.14 12.52 -11.10
CA PHE A 206 7.45 13.10 -10.80
C PHE A 206 8.65 12.71 -11.67
N GLY A 207 8.49 11.74 -12.56
CA GLY A 207 9.60 11.39 -13.43
C GLY A 207 10.66 10.45 -12.88
N GLU A 208 11.62 10.12 -13.76
CA GLU A 208 12.72 9.21 -13.45
C GLU A 208 13.69 9.68 -12.37
N ARG A 209 14.05 10.96 -12.39
CA ARG A 209 14.98 11.50 -11.42
C ARG A 209 14.56 11.22 -9.98
N ALA A 210 13.36 11.66 -9.64
CA ALA A 210 12.80 11.46 -8.30
C ALA A 210 12.72 9.97 -7.96
N PHE A 211 12.33 9.15 -8.93
CA PHE A 211 12.25 7.72 -8.67
C PHE A 211 13.63 7.17 -8.34
N LYS A 212 14.62 7.61 -9.11
CA LYS A 212 16.01 7.18 -8.93
C LYS A 212 16.53 7.51 -7.54
N ALA A 213 16.20 8.71 -7.06
CA ALA A 213 16.64 9.13 -5.74
C ALA A 213 15.98 8.31 -4.64
N TRP A 214 14.71 7.97 -4.84
CA TRP A 214 13.96 7.18 -3.85
C TRP A 214 14.62 5.81 -3.79
N ALA A 215 14.87 5.22 -4.96
CA ALA A 215 15.48 3.90 -5.04
C ALA A 215 16.88 3.83 -4.44
N VAL A 216 17.67 4.89 -4.63
CA VAL A 216 19.03 4.95 -4.11
C VAL A 216 19.05 4.92 -2.59
N ALA A 217 18.22 5.74 -1.98
CA ALA A 217 18.14 5.81 -0.52
C ALA A 217 17.62 4.47 0.00
N ARG A 218 16.64 3.93 -0.72
CA ARG A 218 16.02 2.66 -0.37
C ARG A 218 17.02 1.52 -0.40
N LEU A 219 17.68 1.36 -1.54
CA LEU A 219 18.67 0.30 -1.74
C LEU A 219 19.89 0.40 -0.84
N SER A 220 20.36 1.62 -0.60
CA SER A 220 21.53 1.85 0.24
C SER A 220 21.27 1.50 1.70
N GLN A 221 19.99 1.46 2.08
CA GLN A 221 19.59 1.14 3.44
C GLN A 221 19.60 -0.37 3.64
N ARG A 222 19.18 -1.09 2.63
CA ARG A 222 19.18 -2.55 2.72
C ARG A 222 20.55 -3.16 2.46
N PHE A 223 21.34 -2.49 1.69
CA PHE A 223 22.65 -3.00 1.37
C PHE A 223 23.67 -1.94 1.72
N PRO A 224 23.95 -1.75 3.01
CA PRO A 224 24.93 -0.74 3.40
C PRO A 224 26.38 -1.12 3.11
N LYS A 225 26.60 -2.37 2.70
CA LYS A 225 27.95 -2.85 2.41
C LYS A 225 28.34 -2.81 0.94
N ALA A 226 27.37 -2.61 0.06
CA ALA A 226 27.66 -2.57 -1.36
C ALA A 226 28.38 -1.26 -1.70
N GLU A 227 29.06 -1.25 -2.83
CA GLU A 227 29.75 -0.06 -3.31
C GLU A 227 28.82 0.81 -4.15
N PHE A 228 28.94 2.11 -4.05
CA PHE A 228 28.07 3.00 -4.81
C PHE A 228 27.95 2.59 -6.28
N ALA A 229 28.96 1.90 -6.79
CA ALA A 229 28.92 1.46 -8.17
C ALA A 229 27.86 0.38 -8.31
N GLU A 230 27.80 -0.52 -7.34
CA GLU A 230 26.83 -1.60 -7.37
C GLU A 230 25.42 -1.01 -7.22
N VAL A 231 25.25 -0.16 -6.21
CA VAL A 231 23.95 0.48 -5.98
C VAL A 231 23.52 1.20 -7.26
N SER A 232 24.49 1.82 -7.92
CA SER A 232 24.21 2.53 -9.16
C SER A 232 23.64 1.57 -10.19
N LYS A 233 24.29 0.43 -10.37
CA LYS A 233 23.85 -0.56 -11.34
C LYS A 233 22.43 -1.01 -11.03
N LEU A 234 22.20 -1.40 -9.78
CA LEU A 234 20.89 -1.87 -9.35
C LEU A 234 19.81 -0.79 -9.53
N VAL A 235 20.06 0.42 -9.04
CA VAL A 235 19.10 1.50 -9.19
C VAL A 235 18.72 1.66 -10.66
N THR A 236 19.67 1.35 -11.54
CA THR A 236 19.46 1.48 -12.98
C THR A 236 18.56 0.37 -13.53
N ASP A 237 18.84 -0.87 -13.15
CA ASP A 237 18.02 -2.00 -13.62
C ASP A 237 16.62 -1.89 -13.03
N LEU A 238 16.57 -1.58 -11.73
CA LEU A 238 15.32 -1.44 -11.00
C LEU A 238 14.38 -0.48 -11.69
N THR A 239 14.90 0.71 -11.99
CA THR A 239 14.10 1.73 -12.66
C THR A 239 13.51 1.20 -13.97
N LYS A 240 14.26 0.35 -14.66
CA LYS A 240 13.75 -0.20 -15.91
C LYS A 240 12.64 -1.21 -15.62
N VAL A 241 12.83 -1.98 -14.55
CA VAL A 241 11.87 -2.99 -14.14
C VAL A 241 10.51 -2.38 -13.82
N HIS A 242 10.49 -1.36 -12.96
CA HIS A 242 9.23 -0.72 -12.60
C HIS A 242 8.60 -0.04 -13.79
N THR A 243 9.42 0.53 -14.66
CA THR A 243 8.91 1.20 -15.85
C THR A 243 8.19 0.16 -16.70
N GLU A 244 8.86 -0.97 -16.92
CA GLU A 244 8.31 -2.07 -17.70
C GLU A 244 6.95 -2.52 -17.16
N CYS A 245 6.87 -2.74 -15.84
CA CYS A 245 6.02 -3.52 -15.01
C CYS A 245 4.80 -2.60 -14.95
N CYS A 246 5.03 -1.30 -14.80
CA CYS A 246 3.92 -0.36 -14.75
C CYS A 246 3.17 -0.32 -16.07
N HIS A 247 3.91 -0.43 -17.17
CA HIS A 247 3.28 -0.40 -18.47
C HIS A 247 2.21 -1.48 -18.57
N GLY A 248 2.49 -2.67 -18.04
CA GLY A 248 1.48 -3.71 -18.09
C GLY A 248 1.79 -5.11 -18.58
N ASP A 249 2.67 -5.28 -19.55
CA ASP A 249 2.95 -6.64 -20.03
C ASP A 249 3.48 -7.51 -18.90
N LEU A 250 2.77 -8.62 -18.66
CA LEU A 250 3.15 -9.54 -17.59
C LEU A 250 4.47 -10.22 -17.88
N LEU A 251 4.65 -10.68 -19.12
CA LEU A 251 5.87 -11.37 -19.50
C LEU A 251 7.12 -10.48 -19.40
N GLU A 252 7.07 -9.32 -20.04
CA GLU A 252 8.21 -8.40 -20.01
C GLU A 252 8.55 -8.10 -18.56
N CYS A 253 7.53 -7.82 -17.75
CA CYS A 253 7.74 -7.52 -16.33
C CYS A 253 8.26 -8.73 -15.54
N ALA A 254 7.82 -9.93 -15.92
CA ALA A 254 8.24 -11.15 -15.25
C ALA A 254 9.71 -11.48 -15.51
N ASP A 255 10.14 -11.33 -16.75
CA ASP A 255 11.52 -11.61 -17.10
C ASP A 255 12.46 -10.56 -16.54
N ASP A 256 12.05 -9.30 -16.62
CA ASP A 256 12.86 -8.23 -16.10
C ASP A 256 13.21 -8.53 -14.64
N ARG A 257 12.19 -8.88 -13.85
CA ARG A 257 12.39 -9.19 -12.43
C ARG A 257 13.21 -10.46 -12.20
N ALA A 258 13.00 -11.48 -13.04
CA ALA A 258 13.74 -12.73 -12.90
C ALA A 258 15.22 -12.45 -13.10
N ASP A 259 15.53 -11.84 -14.24
CA ASP A 259 16.91 -11.49 -14.58
C ASP A 259 17.57 -10.73 -13.44
N LEU A 260 16.92 -9.67 -12.97
CA LEU A 260 17.48 -8.86 -11.90
C LEU A 260 17.63 -9.64 -10.59
N ALA A 261 16.78 -10.64 -10.38
CA ALA A 261 16.87 -11.41 -9.15
C ALA A 261 18.06 -12.37 -9.22
N LYS A 262 18.35 -12.87 -10.42
CA LYS A 262 19.46 -13.80 -10.61
C LYS A 262 20.78 -13.04 -10.55
N TYR A 263 20.80 -11.85 -11.15
CA TYR A 263 22.00 -11.04 -11.13
C TYR A 263 22.38 -10.74 -9.68
N ILE A 264 21.38 -10.41 -8.87
CA ILE A 264 21.60 -10.10 -7.47
C ILE A 264 22.11 -11.30 -6.71
N CYS A 265 21.61 -12.49 -7.07
CA CYS A 265 22.02 -13.71 -6.38
C CYS A 265 23.43 -14.17 -6.76
N GLU A 266 23.82 -13.95 -8.01
CA GLU A 266 25.15 -14.32 -8.45
C GLU A 266 26.18 -13.39 -7.81
N ASN A 267 25.91 -12.09 -7.83
CA ASN A 267 26.79 -11.09 -7.24
C ASN A 267 26.46 -10.90 -5.77
N GLN A 268 25.83 -11.91 -5.19
CA GLN A 268 25.40 -11.87 -3.80
C GLN A 268 26.41 -11.36 -2.78
N ASP A 269 27.62 -11.93 -2.76
CA ASP A 269 28.67 -11.52 -1.81
C ASP A 269 29.02 -10.06 -1.98
N SER A 270 28.78 -9.56 -3.19
CA SER A 270 29.05 -8.17 -3.56
C SER A 270 27.91 -7.22 -3.18
N ILE A 271 26.86 -7.75 -2.55
CA ILE A 271 25.71 -6.93 -2.17
C ILE A 271 25.27 -6.99 -0.71
N SER A 272 24.96 -8.18 -0.21
CA SER A 272 24.50 -8.34 1.18
C SER A 272 24.71 -9.75 1.68
N SER A 273 24.70 -9.90 3.00
CA SER A 273 24.89 -11.20 3.63
C SER A 273 23.56 -11.84 3.99
N LYS A 274 22.48 -11.06 3.89
CA LYS A 274 21.15 -11.54 4.23
C LYS A 274 20.34 -12.07 3.05
N LEU A 275 21.01 -12.48 1.97
CA LEU A 275 20.31 -12.99 0.80
C LEU A 275 20.38 -14.51 0.70
N LYS A 276 20.92 -15.12 1.76
CA LYS A 276 21.07 -16.56 1.82
C LYS A 276 19.82 -17.30 1.35
N GLU A 277 18.76 -17.17 2.13
CA GLU A 277 17.50 -17.83 1.83
C GLU A 277 16.99 -17.51 0.43
N CYS A 278 16.55 -16.26 0.23
CA CYS A 278 16.01 -15.80 -1.03
C CYS A 278 16.66 -16.31 -2.30
N CYS A 279 17.96 -16.58 -2.24
CA CYS A 279 18.66 -17.04 -3.42
C CYS A 279 18.61 -18.54 -3.63
N GLU A 280 18.22 -19.23 -2.57
CA GLU A 280 18.07 -20.68 -2.63
C GLU A 280 16.65 -21.05 -3.12
N LYS A 281 15.69 -20.09 -3.00
CA LYS A 281 14.27 -20.26 -3.38
C LYS A 281 14.02 -20.42 -4.89
N PRO A 282 12.81 -20.92 -5.19
CA PRO A 282 12.34 -21.17 -6.56
C PRO A 282 12.22 -19.96 -7.41
N LEU A 283 12.29 -20.19 -8.68
CA LEU A 283 12.12 -19.11 -9.60
C LEU A 283 10.99 -18.18 -9.20
N LEU A 284 9.80 -18.74 -9.05
CA LEU A 284 8.62 -17.96 -8.70
C LEU A 284 8.72 -17.10 -7.44
N GLU A 285 9.55 -17.50 -6.47
CA GLU A 285 9.65 -16.75 -5.21
C GLU A 285 10.90 -15.91 -4.98
N LYS A 286 11.94 -16.12 -5.78
CA LYS A 286 13.21 -15.38 -5.64
C LYS A 286 13.02 -13.86 -5.56
N SER A 287 12.36 -13.28 -6.56
CA SER A 287 12.12 -11.84 -6.61
C SER A 287 11.40 -11.32 -5.38
N HIS A 288 10.24 -11.91 -5.10
CA HIS A 288 9.41 -11.53 -3.96
C HIS A 288 10.19 -11.58 -2.65
N CYS A 289 10.99 -12.62 -2.49
CA CYS A 289 11.79 -12.78 -1.28
C CYS A 289 12.76 -11.62 -1.08
N ILE A 290 13.59 -11.39 -2.09
CA ILE A 290 14.59 -10.33 -2.06
C ILE A 290 13.97 -8.98 -1.73
N ALA A 291 12.86 -8.65 -2.38
CA ALA A 291 12.18 -7.39 -2.15
C ALA A 291 11.78 -7.20 -0.70
N GLU A 292 11.62 -8.31 0.01
CA GLU A 292 11.20 -8.27 1.41
C GLU A 292 12.37 -8.45 2.37
N VAL A 293 13.56 -8.71 1.83
CA VAL A 293 14.77 -8.92 2.63
C VAL A 293 15.04 -7.86 3.71
N GLU A 294 15.65 -8.30 4.81
CA GLU A 294 15.97 -7.40 5.93
C GLU A 294 17.28 -6.66 5.67
N ASN A 295 17.49 -5.55 6.38
CA ASN A 295 18.70 -4.75 6.23
C ASN A 295 19.94 -5.50 6.65
N ASP A 296 20.97 -5.42 5.82
CA ASP A 296 22.21 -6.10 6.16
C ASP A 296 22.86 -5.21 7.20
N GLU A 297 23.75 -5.73 8.02
CA GLU A 297 24.40 -4.88 8.98
C GLU A 297 25.27 -3.96 8.17
N MET A 298 25.25 -2.69 8.55
CA MET A 298 26.04 -1.72 7.89
C MET A 298 27.45 -1.90 8.37
N PRO A 299 28.41 -1.87 7.44
CA PRO A 299 29.80 -1.96 7.86
C PRO A 299 29.99 -1.05 9.11
N ALA A 300 30.78 -1.54 10.05
CA ALA A 300 31.04 -0.81 11.28
C ALA A 300 32.14 0.22 11.06
N ASP A 301 32.94 0.00 10.01
CA ASP A 301 34.03 0.91 9.69
C ASP A 301 33.59 1.93 8.64
N LEU A 302 32.83 2.94 9.07
CA LEU A 302 32.34 3.97 8.17
C LEU A 302 32.67 5.41 8.59
N PRO A 303 33.69 6.04 7.97
CA PRO A 303 34.18 7.42 8.16
C PRO A 303 33.05 8.48 8.21
N SER A 304 33.40 9.74 8.39
CA SER A 304 32.42 10.81 8.47
C SER A 304 31.97 11.43 7.14
N LEU A 305 30.81 12.08 7.19
CA LEU A 305 30.26 12.71 6.01
C LEU A 305 30.70 14.16 5.89
N ALA A 306 30.95 14.79 7.03
CA ALA A 306 31.40 16.19 7.04
C ALA A 306 32.76 16.30 6.36
N ALA A 307 33.47 15.17 6.28
CA ALA A 307 34.78 15.12 5.66
C ALA A 307 34.74 15.28 4.15
N ASP A 308 33.77 14.63 3.50
CA ASP A 308 33.64 14.69 2.06
C ASP A 308 32.54 15.61 1.55
N PHE A 309 31.70 16.13 2.44
CA PHE A 309 30.61 16.98 1.99
C PHE A 309 30.55 18.38 2.57
N VAL A 310 31.19 18.59 3.72
CA VAL A 310 31.17 19.91 4.35
C VAL A 310 32.52 20.63 4.27
N GLU A 311 33.56 19.94 4.73
CA GLU A 311 34.91 20.51 4.78
C GLU A 311 35.91 20.42 3.64
N SER A 312 36.06 19.25 3.02
CA SER A 312 37.05 19.15 1.97
C SER A 312 36.77 20.29 0.98
N LYS A 313 37.83 20.77 0.33
CA LYS A 313 37.75 21.92 -0.57
C LYS A 313 37.11 21.87 -1.96
N ASP A 314 37.26 20.76 -2.69
CA ASP A 314 36.71 20.68 -4.02
C ASP A 314 35.29 20.09 -4.09
N VAL A 315 34.48 20.40 -3.09
CA VAL A 315 33.12 19.88 -3.07
C VAL A 315 32.34 20.47 -4.24
N CYS A 316 32.54 21.76 -4.50
CA CYS A 316 31.87 22.42 -5.61
C CYS A 316 32.47 21.90 -6.92
N LYS A 317 33.77 21.62 -6.90
CA LYS A 317 34.45 21.13 -8.09
C LYS A 317 33.90 19.77 -8.49
N ASN A 318 33.70 18.91 -7.49
CA ASN A 318 33.17 17.58 -7.73
C ASN A 318 31.69 17.63 -8.07
N TYR A 319 31.00 18.59 -7.47
CA TYR A 319 29.57 18.75 -7.70
C TYR A 319 29.22 19.24 -9.09
N ALA A 320 29.88 20.32 -9.54
CA ALA A 320 29.60 20.88 -10.86
C ALA A 320 29.92 19.93 -12.00
N GLU A 321 30.91 19.06 -11.77
CA GLU A 321 31.35 18.09 -12.77
C GLU A 321 30.27 17.06 -13.13
N ALA A 322 29.45 16.69 -12.14
CA ALA A 322 28.36 15.72 -12.31
C ALA A 322 27.44 15.87 -11.09
N LYS A 323 26.54 16.83 -11.16
CA LYS A 323 25.61 17.15 -10.08
C LYS A 323 24.80 15.99 -9.48
N ASP A 324 24.20 15.19 -10.34
CA ASP A 324 23.37 14.08 -9.90
C ASP A 324 24.14 12.92 -9.27
N VAL A 325 25.30 12.56 -9.82
CA VAL A 325 26.10 11.48 -9.25
C VAL A 325 26.67 11.90 -7.90
N PHE A 326 26.94 13.18 -7.76
CA PHE A 326 27.48 13.68 -6.51
C PHE A 326 26.37 13.59 -5.47
N LEU A 327 25.19 14.08 -5.83
CA LEU A 327 24.04 14.04 -4.93
C LEU A 327 23.62 12.59 -4.64
N GLY A 328 23.68 11.75 -5.66
CA GLY A 328 23.33 10.36 -5.44
C GLY A 328 24.32 9.78 -4.44
N MET A 329 25.56 10.28 -4.50
CA MET A 329 26.62 9.83 -3.61
C MET A 329 26.34 10.25 -2.17
N PHE A 330 25.80 11.45 -2.02
CA PHE A 330 25.45 11.99 -0.69
C PHE A 330 24.36 11.09 -0.12
N LEU A 331 23.35 10.82 -0.94
CA LEU A 331 22.22 9.98 -0.56
C LEU A 331 22.73 8.62 -0.10
N TYR A 332 23.49 7.96 -0.97
CA TYR A 332 24.02 6.64 -0.66
C TYR A 332 24.80 6.64 0.66
N GLU A 333 25.58 7.67 0.87
CA GLU A 333 26.37 7.74 2.09
C GLU A 333 25.48 7.94 3.31
N TYR A 334 24.60 8.93 3.23
CA TYR A 334 23.69 9.22 4.34
C TYR A 334 22.68 8.09 4.59
N ALA A 335 22.18 7.49 3.52
CA ALA A 335 21.19 6.42 3.65
C ALA A 335 21.75 5.21 4.38
N ARG A 336 22.78 4.60 3.82
CA ARG A 336 23.36 3.41 4.44
C ARG A 336 23.77 3.61 5.89
N ARG A 337 23.85 4.86 6.31
CA ARG A 337 24.23 5.17 7.68
C ARG A 337 22.99 5.32 8.56
N HIS A 338 21.84 5.52 7.93
CA HIS A 338 20.60 5.70 8.68
C HIS A 338 19.43 4.84 8.20
N PRO A 339 19.40 3.55 8.58
CA PRO A 339 18.26 2.76 8.12
C PRO A 339 17.04 3.05 9.02
N ASP A 340 17.27 3.86 10.05
CA ASP A 340 16.22 4.25 11.00
C ASP A 340 15.51 5.53 10.59
N TYR A 341 15.77 5.97 9.36
CA TYR A 341 15.16 7.19 8.82
C TYR A 341 14.18 6.75 7.74
N SER A 342 13.14 7.55 7.50
CA SER A 342 12.19 7.23 6.44
C SER A 342 12.90 7.67 5.16
N VAL A 343 12.47 7.14 4.01
CA VAL A 343 13.10 7.53 2.76
C VAL A 343 12.83 9.00 2.40
N VAL A 344 11.62 9.47 2.66
CA VAL A 344 11.31 10.86 2.35
C VAL A 344 12.14 11.80 3.22
N LEU A 345 12.53 11.37 4.41
CA LEU A 345 13.34 12.22 5.28
C LEU A 345 14.69 12.42 4.63
N LEU A 346 15.20 11.35 4.01
CA LEU A 346 16.49 11.38 3.33
C LEU A 346 16.46 12.31 2.11
N LEU A 347 15.42 12.15 1.29
CA LEU A 347 15.27 12.98 0.09
C LEU A 347 15.06 14.42 0.52
N ARG A 348 14.53 14.61 1.73
CA ARG A 348 14.28 15.94 2.26
C ARG A 348 15.61 16.59 2.64
N LEU A 349 16.56 15.76 3.04
CA LEU A 349 17.89 16.24 3.43
C LEU A 349 18.73 16.47 2.17
N ALA A 350 18.63 15.54 1.22
CA ALA A 350 19.36 15.64 -0.05
C ALA A 350 18.95 16.91 -0.77
N LYS A 351 17.64 17.19 -0.76
CA LYS A 351 17.12 18.37 -1.43
C LYS A 351 17.66 19.64 -0.78
N THR A 352 17.72 19.63 0.55
CA THR A 352 18.22 20.77 1.31
C THR A 352 19.68 21.07 0.92
N TYR A 353 20.49 20.03 0.88
CA TYR A 353 21.90 20.12 0.52
C TYR A 353 22.08 20.69 -0.90
N GLU A 354 21.36 20.10 -1.87
CA GLU A 354 21.41 20.54 -3.26
C GLU A 354 21.16 22.04 -3.34
N THR A 355 20.12 22.48 -2.67
CA THR A 355 19.73 23.88 -2.64
C THR A 355 20.88 24.74 -2.13
N THR A 356 21.53 24.25 -1.08
CA THR A 356 22.65 24.97 -0.48
C THR A 356 23.83 25.07 -1.43
N LEU A 357 24.16 23.97 -2.10
CA LEU A 357 25.29 23.98 -3.03
C LEU A 357 25.05 24.97 -4.16
N GLU A 358 23.79 25.14 -4.55
CA GLU A 358 23.44 26.05 -5.62
C GLU A 358 23.65 27.51 -5.23
N LYS A 359 23.54 27.81 -3.94
CA LYS A 359 23.73 29.18 -3.48
C LYS A 359 25.21 29.49 -3.28
N CYS A 360 25.91 28.64 -2.54
CA CYS A 360 27.33 28.85 -2.28
C CYS A 360 28.40 28.63 -3.34
N CYS A 361 28.19 27.69 -4.25
CA CYS A 361 29.21 27.44 -5.25
C CYS A 361 29.30 28.63 -6.18
N ALA A 362 28.55 29.68 -5.88
CA ALA A 362 28.54 30.90 -6.68
C ALA A 362 28.76 32.10 -5.78
N ALA A 363 29.69 31.98 -4.84
CA ALA A 363 30.00 33.06 -3.91
C ALA A 363 31.51 33.14 -3.67
N ALA A 364 31.97 34.28 -3.15
CA ALA A 364 33.38 34.50 -2.86
C ALA A 364 34.02 33.24 -2.25
N ASP A 365 33.76 33.02 -0.97
CA ASP A 365 34.28 31.85 -0.27
C ASP A 365 33.13 30.87 0.03
N PRO A 366 33.00 29.82 -0.80
CA PRO A 366 31.95 28.81 -0.60
C PRO A 366 32.23 27.90 0.59
N HIS A 367 33.47 27.45 0.72
CA HIS A 367 33.87 26.55 1.81
C HIS A 367 33.45 27.08 3.17
N GLU A 368 32.82 28.25 3.17
CA GLU A 368 32.35 28.88 4.39
C GLU A 368 30.89 29.28 4.23
N CYS A 369 30.36 29.21 3.00
CA CYS A 369 28.96 29.56 2.78
C CYS A 369 28.08 28.36 3.11
N TYR A 370 28.59 27.18 2.83
CA TYR A 370 27.89 25.93 3.07
C TYR A 370 28.39 25.16 4.28
N ALA A 371 29.31 25.76 5.04
CA ALA A 371 29.90 25.10 6.21
C ALA A 371 28.91 24.78 7.34
N LYS A 372 27.78 25.49 7.38
CA LYS A 372 26.78 25.27 8.42
C LYS A 372 25.53 24.56 7.91
N VAL A 373 25.71 23.63 6.98
CA VAL A 373 24.56 22.90 6.41
C VAL A 373 24.02 21.84 7.36
N PHE A 374 24.91 20.97 7.84
CA PHE A 374 24.51 19.89 8.74
C PHE A 374 23.69 20.42 9.91
N ASP A 375 23.89 21.71 10.23
CA ASP A 375 23.17 22.34 11.32
C ASP A 375 21.72 22.57 10.92
N GLU A 376 21.47 22.56 9.62
CA GLU A 376 20.12 22.77 9.10
C GLU A 376 19.36 21.46 8.97
N PHE A 377 20.06 20.36 9.19
CA PHE A 377 19.43 19.04 9.11
C PHE A 377 18.73 18.74 10.43
N LYS A 378 19.31 19.22 11.53
CA LYS A 378 18.78 18.99 12.87
C LYS A 378 17.26 19.14 12.99
N PRO A 379 16.71 20.32 12.63
CA PRO A 379 15.27 20.49 12.74
C PRO A 379 14.45 19.61 11.80
N LEU A 380 15.03 19.27 10.65
CA LEU A 380 14.35 18.43 9.67
C LEU A 380 14.17 17.01 10.19
N VAL A 381 15.15 16.55 10.94
CA VAL A 381 15.15 15.21 11.49
C VAL A 381 14.28 15.09 12.74
N GLU A 382 14.43 16.06 13.64
CA GLU A 382 13.68 16.08 14.90
C GLU A 382 12.17 16.16 14.75
N GLU A 383 11.69 16.81 13.69
CA GLU A 383 10.26 16.93 13.48
C GLU A 383 9.53 15.60 13.40
N PRO A 384 9.86 14.74 12.41
CA PRO A 384 9.16 13.45 12.31
C PRO A 384 9.41 12.54 13.52
N GLN A 385 10.54 12.75 14.18
CA GLN A 385 10.90 11.97 15.36
C GLN A 385 10.03 12.37 16.54
N ASN A 386 9.90 13.67 16.78
CA ASN A 386 9.09 14.16 17.88
C ASN A 386 7.61 13.77 17.69
N LEU A 387 7.22 13.53 16.46
CA LEU A 387 5.83 13.15 16.15
C LEU A 387 5.57 11.70 16.52
N ILE A 388 6.56 10.85 16.29
CA ILE A 388 6.43 9.43 16.59
C ILE A 388 6.27 9.18 18.09
N LYS A 389 7.23 9.63 18.89
CA LYS A 389 7.17 9.44 20.33
C LYS A 389 5.80 9.92 20.83
N GLN A 390 5.53 11.20 20.63
CA GLN A 390 4.27 11.83 21.04
C GLN A 390 3.01 11.01 20.75
N ASN A 391 2.91 10.49 19.53
CA ASN A 391 1.73 9.70 19.15
C ASN A 391 1.75 8.28 19.69
N CYS A 392 2.94 7.73 19.92
CA CYS A 392 3.03 6.38 20.46
C CYS A 392 2.85 6.42 21.98
N GLU A 393 3.22 7.55 22.59
CA GLU A 393 3.08 7.71 24.03
C GLU A 393 1.58 7.72 24.32
N LEU A 394 0.87 8.53 23.56
CA LEU A 394 -0.57 8.68 23.67
C LEU A 394 -1.29 7.35 23.43
N PHE A 395 -0.95 6.69 22.33
CA PHE A 395 -1.55 5.43 21.99
C PHE A 395 -1.40 4.44 23.14
N GLU A 396 -0.39 4.65 23.97
CA GLU A 396 -0.13 3.77 25.11
C GLU A 396 -1.02 4.11 26.29
N GLN A 397 -1.34 5.38 26.46
CA GLN A 397 -2.18 5.81 27.55
C GLN A 397 -3.67 5.60 27.25
N LEU A 398 -4.00 5.15 26.05
CA LEU A 398 -5.42 4.99 25.72
C LEU A 398 -5.94 3.67 25.24
N GLY A 399 -5.24 3.06 24.29
CA GLY A 399 -5.70 1.80 23.73
C GLY A 399 -6.13 2.18 22.33
N GLU A 400 -6.11 1.23 21.41
CA GLU A 400 -6.47 1.54 20.03
C GLU A 400 -7.74 2.38 19.89
N TYR A 401 -8.87 1.84 20.34
CA TYR A 401 -10.16 2.53 20.22
C TYR A 401 -10.21 3.94 20.81
N LYS A 402 -9.78 4.08 22.06
CA LYS A 402 -9.78 5.40 22.69
C LYS A 402 -8.82 6.33 21.96
N PHE A 403 -7.78 5.73 21.37
CA PHE A 403 -6.79 6.51 20.64
C PHE A 403 -7.41 6.99 19.33
N GLN A 404 -8.07 6.09 18.61
CA GLN A 404 -8.71 6.46 17.35
C GLN A 404 -9.67 7.61 17.58
N ASN A 405 -10.23 7.66 18.78
CA ASN A 405 -11.18 8.72 19.12
C ASN A 405 -10.48 10.07 19.24
N ALA A 406 -9.25 10.06 19.77
CA ALA A 406 -8.49 11.29 19.92
C ALA A 406 -8.24 11.91 18.55
N LEU A 407 -7.84 11.07 17.59
CA LEU A 407 -7.57 11.55 16.23
C LEU A 407 -8.82 12.17 15.63
N LEU A 408 -9.95 11.49 15.82
CA LEU A 408 -11.24 11.93 15.30
C LEU A 408 -11.50 13.37 15.68
N VAL A 409 -11.36 13.67 16.97
CA VAL A 409 -11.59 15.02 17.45
C VAL A 409 -10.58 15.98 16.80
N ARG A 410 -9.34 15.50 16.66
CA ARG A 410 -8.26 16.28 16.08
C ARG A 410 -8.47 16.69 14.63
N TYR A 411 -8.73 15.72 13.76
CA TYR A 411 -8.92 16.01 12.35
C TYR A 411 -10.27 16.60 11.98
N THR A 412 -11.30 16.30 12.77
CA THR A 412 -12.62 16.84 12.47
C THR A 412 -12.51 18.35 12.63
N LYS A 413 -11.76 18.77 13.64
CA LYS A 413 -11.56 20.20 13.93
C LYS A 413 -10.76 20.90 12.84
N LYS A 414 -9.85 20.17 12.20
CA LYS A 414 -9.02 20.73 11.15
C LYS A 414 -9.79 20.86 9.84
N VAL A 415 -10.44 19.79 9.42
CA VAL A 415 -11.20 19.82 8.18
C VAL A 415 -12.65 19.36 8.38
N PRO A 416 -13.46 20.14 9.12
CA PRO A 416 -14.86 19.82 9.42
C PRO A 416 -15.68 19.66 8.14
N GLN A 417 -15.12 20.14 7.05
CA GLN A 417 -15.76 20.08 5.74
C GLN A 417 -15.85 18.64 5.25
N VAL A 418 -14.89 17.81 5.63
CA VAL A 418 -14.85 16.41 5.20
C VAL A 418 -16.06 15.61 5.68
N SER A 419 -16.49 14.68 4.83
CA SER A 419 -17.63 13.81 5.13
C SER A 419 -17.38 12.98 6.38
N THR A 420 -18.41 12.85 7.23
CA THR A 420 -18.30 12.08 8.47
C THR A 420 -17.86 10.62 8.28
N PRO A 421 -18.48 9.91 7.33
CA PRO A 421 -18.08 8.51 7.10
C PRO A 421 -16.65 8.38 6.59
N THR A 422 -16.09 9.49 6.11
CA THR A 422 -14.72 9.51 5.61
C THR A 422 -13.75 9.79 6.76
N LEU A 423 -14.10 10.75 7.60
CA LEU A 423 -13.29 11.09 8.76
C LEU A 423 -13.15 9.86 9.64
N VAL A 424 -14.25 9.13 9.79
CA VAL A 424 -14.26 7.93 10.60
C VAL A 424 -13.36 6.87 9.98
N GLU A 425 -13.53 6.59 8.69
CA GLU A 425 -12.71 5.59 8.01
C GLU A 425 -11.22 5.94 8.13
N VAL A 426 -10.90 7.21 7.90
CA VAL A 426 -9.53 7.69 7.95
C VAL A 426 -8.91 7.51 9.34
N SER A 427 -9.58 8.04 10.36
CA SER A 427 -9.07 7.95 11.73
C SER A 427 -8.97 6.51 12.22
N ARG A 428 -9.73 5.62 11.60
CA ARG A 428 -9.68 4.22 11.98
C ARG A 428 -8.39 3.60 11.45
N ASN A 429 -8.07 3.90 10.19
CA ASN A 429 -6.86 3.38 9.55
C ASN A 429 -5.60 3.96 10.19
N LEU A 430 -5.67 5.21 10.62
CA LEU A 430 -4.53 5.85 11.27
C LEU A 430 -4.23 5.14 12.58
N GLY A 431 -5.29 4.87 13.35
CA GLY A 431 -5.12 4.18 14.62
C GLY A 431 -4.45 2.83 14.43
N LYS A 432 -4.84 2.13 13.37
CA LYS A 432 -4.28 0.82 13.05
C LYS A 432 -2.78 0.96 12.82
N VAL A 433 -2.39 2.00 12.10
CA VAL A 433 -0.97 2.24 11.85
C VAL A 433 -0.29 2.49 13.19
N GLY A 434 -0.97 3.20 14.08
CA GLY A 434 -0.40 3.48 15.38
C GLY A 434 -0.05 2.24 16.16
N SER A 435 -0.85 1.20 16.03
CA SER A 435 -0.60 -0.05 16.74
C SER A 435 0.37 -0.96 16.00
N LYS A 436 0.27 -0.99 14.68
CA LYS A 436 1.15 -1.83 13.86
C LYS A 436 2.62 -1.41 13.94
N CYS A 437 2.88 -0.14 14.27
CA CYS A 437 4.25 0.36 14.34
C CYS A 437 4.80 0.69 15.73
N CYS A 438 4.04 1.39 16.56
CA CYS A 438 4.53 1.75 17.90
C CYS A 438 4.99 0.51 18.68
N LYS A 439 4.71 -0.66 18.10
CA LYS A 439 5.09 -1.93 18.72
C LYS A 439 6.55 -2.28 18.45
N HIS A 440 7.19 -1.50 17.57
CA HIS A 440 8.59 -1.72 17.22
C HIS A 440 9.47 -0.81 18.07
N PRO A 441 10.77 -1.10 18.14
CA PRO A 441 11.63 -0.22 18.95
C PRO A 441 11.93 1.00 18.10
N GLU A 442 12.33 2.10 18.72
CA GLU A 442 12.64 3.33 18.01
C GLU A 442 13.23 3.08 16.62
N ALA A 443 14.19 2.16 16.57
CA ALA A 443 14.90 1.80 15.34
C ALA A 443 14.06 1.68 14.08
N LYS A 444 13.01 0.86 14.12
CA LYS A 444 12.17 0.65 12.93
C LYS A 444 10.84 1.40 12.89
N ARG A 445 10.65 2.35 13.79
CA ARG A 445 9.41 3.10 13.84
C ARG A 445 9.14 3.99 12.63
N MET A 446 9.97 5.02 12.43
CA MET A 446 9.81 5.93 11.31
C MET A 446 9.61 5.24 9.96
N PRO A 447 10.44 4.24 9.64
CA PRO A 447 10.26 3.58 8.34
C PRO A 447 8.89 2.89 8.22
N CYS A 448 8.40 2.34 9.33
CA CYS A 448 7.11 1.66 9.36
C CYS A 448 5.98 2.64 9.04
N ALA A 449 5.94 3.74 9.78
CA ALA A 449 4.92 4.76 9.60
C ALA A 449 4.82 5.28 8.18
N GLU A 450 5.97 5.47 7.53
CA GLU A 450 6.00 5.97 6.16
C GLU A 450 5.40 4.98 5.19
N ASP A 451 5.69 3.70 5.38
CA ASP A 451 5.18 2.67 4.51
C ASP A 451 3.67 2.62 4.55
N TYR A 452 3.11 2.80 5.75
CA TYR A 452 1.65 2.76 5.93
C TYR A 452 0.99 4.10 5.64
N LEU A 453 1.49 5.16 6.24
CA LEU A 453 0.96 6.51 6.04
C LEU A 453 0.87 6.83 4.55
N SER A 454 1.84 6.34 3.79
CA SER A 454 1.88 6.60 2.36
C SER A 454 0.61 6.18 1.61
N VAL A 455 0.15 4.97 1.86
CA VAL A 455 -1.04 4.45 1.20
C VAL A 455 -2.33 5.11 1.68
N VAL A 456 -2.41 5.39 2.97
CA VAL A 456 -3.58 6.02 3.54
C VAL A 456 -3.77 7.45 3.00
N LEU A 457 -2.69 8.22 3.01
CA LEU A 457 -2.71 9.60 2.54
C LEU A 457 -3.07 9.70 1.06
N ASN A 458 -2.79 8.64 0.32
CA ASN A 458 -3.11 8.64 -1.09
C ASN A 458 -4.53 8.13 -1.32
N GLN A 459 -4.92 7.09 -0.58
CA GLN A 459 -6.27 6.55 -0.69
C GLN A 459 -7.20 7.70 -0.31
N LEU A 460 -6.73 8.53 0.61
CA LEU A 460 -7.48 9.66 1.09
C LEU A 460 -7.50 10.79 0.06
N CYS A 461 -6.40 10.95 -0.67
CA CYS A 461 -6.32 12.00 -1.68
C CYS A 461 -7.14 11.65 -2.92
N VAL A 462 -7.20 10.37 -3.27
CA VAL A 462 -7.94 9.94 -4.43
C VAL A 462 -9.44 10.18 -4.25
N LEU A 463 -9.93 10.02 -3.03
CA LEU A 463 -11.36 10.25 -2.75
C LEU A 463 -11.60 11.72 -3.06
N HIS A 464 -10.90 12.58 -2.33
CA HIS A 464 -11.00 14.02 -2.51
C HIS A 464 -10.95 14.38 -3.98
N GLU A 465 -10.15 13.63 -4.74
CA GLU A 465 -10.01 13.87 -6.17
C GLU A 465 -11.38 13.86 -6.84
N LYS A 466 -12.11 12.77 -6.64
CA LYS A 466 -13.43 12.62 -7.22
C LYS A 466 -14.43 13.63 -6.68
N THR A 467 -14.35 13.91 -5.38
CA THR A 467 -15.28 14.85 -4.78
C THR A 467 -14.59 15.85 -3.86
N PRO A 468 -13.91 16.84 -4.45
CA PRO A 468 -13.19 17.89 -3.72
C PRO A 468 -14.03 18.47 -2.60
N VAL A 469 -13.37 19.03 -1.58
CA VAL A 469 -14.08 19.61 -0.44
C VAL A 469 -13.34 20.77 0.20
N SER A 470 -12.04 20.62 0.39
CA SER A 470 -11.22 21.67 1.00
C SER A 470 -10.00 22.05 0.16
N ASP A 471 -9.82 23.34 -0.06
CA ASP A 471 -8.68 23.81 -0.84
C ASP A 471 -7.42 23.33 -0.14
N ARG A 472 -7.43 23.39 1.19
CA ARG A 472 -6.30 22.99 2.01
C ARG A 472 -5.86 21.54 1.82
N VAL A 473 -6.81 20.62 1.86
CA VAL A 473 -6.46 19.22 1.67
C VAL A 473 -5.98 19.01 0.25
N THR A 474 -6.34 19.93 -0.63
CA THR A 474 -5.93 19.87 -2.03
C THR A 474 -4.52 20.41 -2.16
N LYS A 475 -4.18 21.39 -1.32
CA LYS A 475 -2.86 22.01 -1.32
C LYS A 475 -1.79 20.95 -1.04
N CYS A 476 -2.04 20.12 -0.02
CA CYS A 476 -1.13 19.07 0.39
C CYS A 476 -1.18 17.85 -0.51
N CYS A 477 -2.35 17.54 -1.04
CA CYS A 477 -2.50 16.37 -1.90
C CYS A 477 -1.81 16.55 -3.24
N THR A 478 -1.76 17.79 -3.72
CA THR A 478 -1.13 18.09 -5.00
C THR A 478 0.37 18.36 -4.82
N GLU A 479 0.75 18.86 -3.65
CA GLU A 479 2.14 19.16 -3.31
C GLU A 479 3.10 17.98 -3.60
N SER A 480 4.40 18.20 -3.38
CA SER A 480 5.39 17.16 -3.65
C SER A 480 5.31 15.99 -2.67
N LEU A 481 5.49 14.77 -3.20
CA LEU A 481 5.43 13.57 -2.38
C LEU A 481 6.38 13.63 -1.19
N VAL A 482 7.12 14.72 -1.09
CA VAL A 482 8.07 14.91 0.00
C VAL A 482 7.46 15.87 1.02
N ASN A 483 6.54 16.70 0.55
CA ASN A 483 5.87 17.66 1.43
C ASN A 483 4.43 17.24 1.68
N ARG A 484 4.09 16.03 1.25
CA ARG A 484 2.75 15.50 1.42
C ARG A 484 2.36 15.41 2.89
N ARG A 485 3.13 14.63 3.65
CA ARG A 485 2.87 14.42 5.07
C ARG A 485 3.09 15.69 5.90
N PRO A 486 4.24 16.37 5.74
CA PRO A 486 4.48 17.59 6.51
C PRO A 486 3.36 18.61 6.33
N CYS A 487 2.79 18.67 5.13
CA CYS A 487 1.71 19.61 4.84
C CYS A 487 0.44 19.31 5.66
N PHE A 488 0.12 18.03 5.79
CA PHE A 488 -1.05 17.60 6.54
C PHE A 488 -0.86 17.83 8.02
N SER A 489 0.37 17.66 8.49
CA SER A 489 0.65 17.88 9.91
C SER A 489 0.63 19.36 10.22
N ALA A 490 0.80 20.18 9.18
CA ALA A 490 0.83 21.63 9.35
C ALA A 490 -0.56 22.24 9.45
N LEU A 491 -1.56 21.56 8.91
CA LEU A 491 -2.93 22.06 8.95
C LEU A 491 -3.24 22.54 10.36
N GLU A 492 -4.10 23.54 10.45
CA GLU A 492 -4.49 24.08 11.74
C GLU A 492 -6.01 24.08 11.87
N VAL A 493 -6.49 24.20 13.10
CA VAL A 493 -7.92 24.23 13.37
C VAL A 493 -8.58 25.27 12.48
N ASP A 494 -9.61 24.85 11.75
CA ASP A 494 -10.32 25.78 10.89
C ASP A 494 -11.08 26.80 11.74
N GLU A 495 -10.81 28.08 11.52
CA GLU A 495 -11.47 29.14 12.27
C GLU A 495 -12.55 29.76 11.41
N THR A 496 -12.57 29.35 10.14
CA THR A 496 -13.53 29.84 9.16
C THR A 496 -14.87 29.10 9.29
N TYR A 497 -14.80 27.77 9.31
CA TYR A 497 -15.97 26.89 9.42
C TYR A 497 -17.12 27.41 10.30
N VAL A 498 -18.35 27.21 9.79
CA VAL A 498 -19.56 27.62 10.49
C VAL A 498 -20.33 26.37 10.92
N PRO A 499 -20.44 26.14 12.24
CA PRO A 499 -21.12 25.00 12.87
C PRO A 499 -22.44 24.59 12.24
N LYS A 500 -22.83 23.34 12.47
CA LYS A 500 -24.07 22.79 11.95
C LYS A 500 -25.21 22.97 12.94
N GLU A 501 -26.42 23.09 12.41
CA GLU A 501 -27.62 23.26 13.23
C GLU A 501 -27.99 21.94 13.89
N PHE A 502 -28.34 21.99 15.16
CA PHE A 502 -28.70 20.80 15.93
C PHE A 502 -29.61 19.85 15.16
N ASN A 503 -29.58 18.60 15.57
CA ASN A 503 -30.39 17.58 14.93
C ASN A 503 -30.54 16.41 15.90
N ALA A 504 -31.66 16.38 16.60
CA ALA A 504 -31.93 15.33 17.58
C ALA A 504 -31.82 13.93 16.98
N GLU A 505 -32.29 13.77 15.75
CA GLU A 505 -32.23 12.48 15.07
C GLU A 505 -30.79 11.97 15.09
N THR A 506 -29.85 12.89 14.88
CA THR A 506 -28.41 12.58 14.85
C THR A 506 -27.94 12.10 16.22
N PHE A 507 -28.62 12.54 17.27
CA PHE A 507 -28.27 12.16 18.63
C PHE A 507 -29.41 11.40 19.30
N THR A 508 -30.07 10.54 18.52
CA THR A 508 -31.17 9.71 18.99
C THR A 508 -30.71 8.26 18.92
N PHE A 509 -30.73 7.57 20.05
CA PHE A 509 -30.27 6.19 20.09
C PHE A 509 -31.30 5.19 20.60
N HIS A 510 -31.60 4.20 19.78
CA HIS A 510 -32.53 3.16 20.13
C HIS A 510 -31.68 1.96 20.54
N ALA A 511 -32.22 1.10 21.40
CA ALA A 511 -31.48 -0.05 21.89
C ALA A 511 -31.18 -1.18 20.89
N ASP A 512 -30.48 -0.86 19.81
CA ASP A 512 -30.10 -1.89 18.82
C ASP A 512 -28.59 -1.96 18.97
N ILE A 513 -28.04 -0.86 19.47
CA ILE A 513 -26.62 -0.74 19.71
C ILE A 513 -26.15 -1.79 20.70
N CYS A 514 -26.97 -2.04 21.72
CA CYS A 514 -26.63 -3.01 22.74
C CYS A 514 -26.47 -4.40 22.13
N THR A 515 -27.14 -4.63 21.01
CA THR A 515 -27.07 -5.92 20.33
C THR A 515 -26.22 -5.92 19.07
N LEU A 516 -25.35 -4.92 18.93
CA LEU A 516 -24.49 -4.84 17.76
C LEU A 516 -23.08 -5.30 18.09
N SER A 517 -22.33 -5.68 17.06
CA SER A 517 -20.96 -6.14 17.22
C SER A 517 -20.05 -5.00 17.67
N GLU A 518 -18.92 -5.34 18.26
CA GLU A 518 -17.96 -4.34 18.71
C GLU A 518 -17.74 -3.33 17.60
N LYS A 519 -17.33 -3.84 16.44
CA LYS A 519 -17.07 -3.00 15.29
C LYS A 519 -18.21 -2.00 15.07
N GLU A 520 -19.43 -2.52 15.09
CA GLU A 520 -20.61 -1.69 14.88
C GLU A 520 -20.90 -0.66 15.96
N ARG A 521 -20.76 -1.07 17.22
CA ARG A 521 -21.00 -0.16 18.34
C ARG A 521 -20.08 1.05 18.22
N GLN A 522 -18.79 0.77 18.02
CA GLN A 522 -17.77 1.80 17.88
C GLN A 522 -18.06 2.72 16.70
N ILE A 523 -18.16 2.15 15.51
CA ILE A 523 -18.45 2.94 14.32
C ILE A 523 -19.67 3.82 14.53
N LYS A 524 -20.59 3.37 15.39
CA LYS A 524 -21.80 4.13 15.68
C LYS A 524 -21.52 5.27 16.67
N LYS A 525 -20.81 4.98 17.75
CA LYS A 525 -20.46 6.00 18.74
C LYS A 525 -19.50 7.01 18.12
N GLN A 526 -18.59 6.51 17.29
CA GLN A 526 -17.59 7.33 16.62
C GLN A 526 -18.21 8.31 15.64
N THR A 527 -19.26 7.88 14.93
CA THR A 527 -19.91 8.76 13.96
C THR A 527 -20.64 9.91 14.65
N ALA A 528 -21.18 9.64 15.84
CA ALA A 528 -21.89 10.66 16.60
C ALA A 528 -20.88 11.66 17.12
N LEU A 529 -19.68 11.15 17.41
CA LEU A 529 -18.57 11.95 17.91
C LEU A 529 -18.17 12.98 16.87
N VAL A 530 -17.98 12.53 15.63
CA VAL A 530 -17.60 13.43 14.54
C VAL A 530 -18.71 14.47 14.43
N GLU A 531 -19.95 14.00 14.45
CA GLU A 531 -21.11 14.89 14.35
C GLU A 531 -21.20 15.84 15.52
N LEU A 532 -20.79 15.37 16.69
CA LEU A 532 -20.83 16.21 17.89
C LEU A 532 -19.82 17.35 17.78
N VAL A 533 -18.65 17.07 17.22
CA VAL A 533 -17.62 18.10 17.08
C VAL A 533 -17.99 19.09 15.97
N LYS A 534 -18.69 18.61 14.93
CA LYS A 534 -19.10 19.47 13.81
C LYS A 534 -20.20 20.45 14.22
N HIS A 535 -20.91 20.13 15.30
CA HIS A 535 -21.99 20.98 15.81
C HIS A 535 -21.43 21.99 16.80
N LYS A 536 -20.48 21.55 17.63
CA LYS A 536 -19.85 22.40 18.63
C LYS A 536 -18.32 22.31 18.51
N PRO A 537 -17.74 22.97 17.50
CA PRO A 537 -16.29 23.02 17.18
C PRO A 537 -15.37 23.61 18.25
N LYS A 538 -15.86 24.61 18.99
CA LYS A 538 -15.05 25.26 20.01
C LYS A 538 -15.07 24.56 21.36
N ALA A 539 -15.72 23.40 21.43
CA ALA A 539 -15.78 22.66 22.69
C ALA A 539 -14.37 22.34 23.16
N THR A 540 -14.20 22.18 24.47
CA THR A 540 -12.90 21.88 25.05
C THR A 540 -12.65 20.38 25.13
N LYS A 541 -11.39 20.01 25.37
CA LYS A 541 -11.04 18.60 25.49
C LYS A 541 -11.65 18.13 26.81
N GLU A 542 -12.00 19.11 27.63
CA GLU A 542 -12.65 18.83 28.91
C GLU A 542 -14.16 18.76 28.76
N GLN A 543 -14.71 19.80 28.14
CA GLN A 543 -16.15 19.84 27.88
C GLN A 543 -16.57 18.55 27.17
N LEU A 544 -15.73 18.11 26.23
CA LEU A 544 -16.01 16.91 25.46
C LEU A 544 -15.84 15.62 26.25
N LYS A 545 -14.69 15.45 26.88
CA LYS A 545 -14.42 14.25 27.66
C LYS A 545 -15.55 14.01 28.66
N ALA A 546 -16.18 15.11 29.09
CA ALA A 546 -17.28 15.04 30.03
C ALA A 546 -18.52 14.43 29.38
N VAL A 547 -18.96 15.06 28.29
CA VAL A 547 -20.13 14.59 27.56
C VAL A 547 -19.95 13.12 27.20
N MET A 548 -18.71 12.76 26.90
CA MET A 548 -18.39 11.38 26.52
C MET A 548 -18.48 10.44 27.70
N ASP A 549 -18.32 10.97 28.90
CA ASP A 549 -18.39 10.15 30.11
C ASP A 549 -19.85 9.83 30.37
N ASP A 550 -20.70 10.85 30.26
CA ASP A 550 -22.13 10.70 30.48
C ASP A 550 -22.78 9.75 29.48
N PHE A 551 -22.35 9.82 28.23
CA PHE A 551 -22.90 8.94 27.21
C PHE A 551 -22.39 7.53 27.44
N ALA A 552 -21.19 7.43 27.99
CA ALA A 552 -20.58 6.14 28.27
C ALA A 552 -21.48 5.35 29.21
N ALA A 553 -21.66 5.89 30.41
CA ALA A 553 -22.50 5.26 31.42
C ALA A 553 -23.89 4.99 30.89
N PHE A 554 -24.49 6.02 30.28
CA PHE A 554 -25.83 5.94 29.70
C PHE A 554 -26.09 4.57 29.06
N VAL A 555 -25.22 4.17 28.14
CA VAL A 555 -25.36 2.90 27.45
C VAL A 555 -25.51 1.73 28.42
N GLU A 556 -24.61 1.66 29.40
CA GLU A 556 -24.66 0.60 30.39
C GLU A 556 -26.00 0.63 31.13
N LYS A 557 -26.45 1.84 31.48
CA LYS A 557 -27.71 2.02 32.20
C LYS A 557 -28.98 1.68 31.42
N CYS A 558 -28.89 1.69 30.08
CA CYS A 558 -30.07 1.38 29.26
C CYS A 558 -29.96 0.07 28.50
N CYS A 559 -28.77 -0.52 28.48
CA CYS A 559 -28.56 -1.79 27.78
C CYS A 559 -28.09 -2.83 28.78
N LYS A 560 -28.61 -2.69 29.99
CA LYS A 560 -28.33 -3.58 31.11
C LYS A 560 -29.49 -3.33 32.07
N ALA A 561 -30.53 -2.71 31.52
CA ALA A 561 -31.74 -2.38 32.25
C ALA A 561 -32.93 -3.14 31.66
N ASP A 562 -33.85 -3.55 32.53
CA ASP A 562 -35.04 -4.30 32.14
C ASP A 562 -35.84 -3.69 30.98
N ASP A 563 -35.84 -2.36 30.90
CA ASP A 563 -36.58 -1.69 29.84
C ASP A 563 -35.64 -0.84 28.96
N LYS A 564 -35.27 -1.41 27.81
CA LYS A 564 -34.36 -0.74 26.89
C LYS A 564 -34.80 0.55 26.18
N GLU A 565 -35.57 0.42 25.10
CA GLU A 565 -36.00 1.60 24.33
C GLU A 565 -36.65 2.70 25.13
N THR A 566 -37.18 2.39 26.30
CA THR A 566 -37.84 3.44 27.07
C THR A 566 -36.69 4.22 27.67
N CYS A 567 -35.80 3.49 28.31
CA CYS A 567 -34.63 4.07 28.94
C CYS A 567 -33.87 4.88 27.91
N PHE A 568 -33.68 4.32 26.72
CA PHE A 568 -32.94 4.98 25.65
C PHE A 568 -33.70 6.19 25.13
N ALA A 569 -34.97 6.33 25.43
CA ALA A 569 -35.75 7.47 24.96
C ALA A 569 -36.08 8.46 26.07
N GLU A 570 -36.13 7.96 27.31
CA GLU A 570 -36.45 8.81 28.46
C GLU A 570 -35.16 9.31 29.10
N GLU A 571 -34.16 8.44 29.16
CA GLU A 571 -32.87 8.81 29.73
C GLU A 571 -32.10 9.63 28.70
N GLY A 572 -32.33 9.32 27.42
CA GLY A 572 -31.66 10.01 26.34
C GLY A 572 -32.03 11.47 26.25
N LYS A 573 -33.31 11.78 26.35
CA LYS A 573 -33.77 13.15 26.28
C LYS A 573 -33.06 13.98 27.35
N LYS A 574 -32.69 13.31 28.44
CA LYS A 574 -32.00 13.97 29.54
C LYS A 574 -30.59 14.37 29.16
N LEU A 575 -29.86 13.44 28.55
CA LEU A 575 -28.49 13.71 28.13
C LEU A 575 -28.38 14.87 27.16
N VAL A 576 -29.13 14.80 26.06
CA VAL A 576 -29.10 15.86 25.06
C VAL A 576 -29.49 17.22 25.65
N ALA A 577 -30.39 17.21 26.64
CA ALA A 577 -30.83 18.46 27.25
C ALA A 577 -29.72 19.06 28.11
N ALA A 578 -29.06 18.21 28.89
CA ALA A 578 -27.96 18.62 29.76
C ALA A 578 -26.73 19.00 28.95
N SER A 579 -26.36 18.13 28.01
CA SER A 579 -25.20 18.34 27.15
C SER A 579 -25.35 19.66 26.40
N GLN A 580 -26.44 19.80 25.67
CA GLN A 580 -26.66 21.01 24.90
C GLN A 580 -26.44 22.25 25.76
N ALA A 581 -26.65 22.12 27.06
CA ALA A 581 -26.47 23.23 27.99
C ALA A 581 -25.01 23.39 28.40
N ALA A 582 -24.37 22.27 28.72
CA ALA A 582 -22.96 22.28 29.12
C ALA A 582 -22.09 22.90 28.02
N LEU A 583 -22.28 22.43 26.80
CA LEU A 583 -21.53 22.93 25.64
C LEU A 583 -22.14 24.23 25.13
N GLY A 584 -22.68 25.03 26.05
CA GLY A 584 -23.31 26.29 25.69
C GLY A 584 -24.11 26.24 24.39
C1 MYR B . -13.04 -10.26 2.35
O1 MYR B . -13.91 -9.38 2.43
O2 MYR B . -12.31 -10.58 3.32
C2 MYR B . -12.84 -11.00 1.04
C3 MYR B . -14.00 -11.97 0.77
C4 MYR B . -13.55 -13.31 1.35
C5 MYR B . -13.32 -14.34 0.26
C6 MYR B . -12.65 -15.58 0.81
C7 MYR B . -11.21 -15.67 0.36
C8 MYR B . -11.02 -16.73 -0.72
C9 MYR B . -9.54 -16.99 -0.98
C10 MYR B . -9.23 -17.05 -2.46
C11 MYR B . -7.74 -17.05 -2.72
C12 MYR B . -7.38 -16.05 -3.79
C13 MYR B . -6.68 -14.82 -3.22
C1 MYR C . 9.19 -13.46 -11.08
O1 MYR C . 9.08 -13.61 -9.84
O2 MYR C . 9.25 -12.34 -11.61
C2 MYR C . 9.24 -14.71 -11.98
C3 MYR C . 7.88 -15.43 -12.01
C4 MYR C . 7.72 -15.92 -13.44
C5 MYR C . 6.27 -15.84 -13.87
C6 MYR C . 6.07 -16.35 -15.29
C7 MYR C . 4.59 -16.47 -15.63
C8 MYR C . 4.34 -16.44 -17.13
C9 MYR C . 2.89 -16.81 -17.47
C10 MYR C . 2.76 -17.25 -18.92
C11 MYR C . 1.49 -18.04 -19.14
C1 MYR D . 7.93 11.11 7.16
O1 MYR D . 7.30 11.89 6.42
O2 MYR D . 9.16 11.26 7.39
C2 MYR D . 7.21 9.92 7.80
C3 MYR D . 7.21 10.03 9.33
C4 MYR D . 5.79 10.47 9.71
C5 MYR D . 5.64 10.58 11.23
C6 MYR D . 4.16 10.59 11.64
C7 MYR D . 3.94 10.02 13.04
C8 MYR D . 3.11 8.73 13.01
C9 MYR D . 1.77 8.87 13.74
C10 MYR D . 0.94 7.59 13.68
C11 MYR D . -0.53 7.92 13.66
C1 MYR E . -0.21 14.08 12.03
O1 MYR E . 0.81 14.81 11.91
O2 MYR E . -1.25 14.47 12.62
C2 MYR E . -0.18 12.65 11.46
C3 MYR E . -0.06 12.69 9.93
C4 MYR E . -1.40 12.20 9.40
C5 MYR E . -2.00 13.17 8.41
C6 MYR E . -3.47 12.88 8.18
C7 MYR E . -4.29 14.16 8.23
C8 MYR E . -5.79 13.85 8.27
C9 MYR E . -6.56 14.70 7.26
C10 MYR E . -8.06 14.56 7.45
C11 MYR E . -8.72 13.96 6.22
C1 MYR F . -17.18 6.05 24.15
O1 MYR F . -17.63 6.59 25.19
O2 MYR F . -16.52 4.99 24.19
C2 MYR F . -17.43 6.70 22.78
C3 MYR F . -17.65 8.22 22.92
C4 MYR F . -19.07 8.43 22.44
C5 MYR F . -19.29 9.86 21.98
C6 MYR F . -20.72 10.11 21.52
C7 MYR F . -21.16 11.53 21.88
C8 MYR F . -22.63 11.76 21.59
C9 MYR F . -23.28 12.58 22.69
C10 MYR F . -24.54 13.26 22.19
C11 MYR F . -24.87 14.50 23.00
C12 MYR F . -25.60 15.55 22.17
C13 MYR F . -25.07 16.96 22.46
C14 MYR F . -25.58 17.95 21.44
F1 HLT G . 20.87 12.04 -9.52
C2 HLT G . 19.67 11.50 -9.44
F2 HLT G . 18.84 12.11 -10.27
F3 HLT G . 19.75 10.20 -9.75
C1 HLT G . 19.19 11.66 -8.04
BR HLT G . 20.12 10.42 -6.98
CL HLT G . 19.60 13.26 -7.51
F1 HLT H . 18.20 14.24 -5.76
C2 HLT H . 17.34 15.14 -5.37
F2 HLT H . 17.83 15.78 -4.32
F3 HLT H . 17.09 16.01 -6.35
C1 HLT H . 16.06 14.46 -4.97
BR HLT H . 15.44 15.28 -3.40
CL HLT H . 14.86 14.66 -6.26
F1 HLT I . 22.73 5.19 -9.51
C2 HLT I . 22.59 6.42 -9.02
F2 HLT I . 21.81 6.40 -8.00
F3 HLT I . 23.79 6.90 -8.67
C1 HLT I . 22.02 7.30 -10.07
BR HLT I . 23.20 8.73 -10.30
CL HLT I . 21.93 6.41 -11.56
F1 HLT J . 14.83 -5.60 -7.12
C2 HLT J . 14.44 -6.68 -6.43
F2 HLT J . 15.47 -7.50 -6.26
F3 HLT J . 13.95 -6.31 -5.25
C1 HLT J . 13.36 -7.40 -7.18
BR HLT J . 12.04 -6.14 -7.68
CL HLT J . 14.03 -8.15 -8.61
F1 HLT K . 13.98 -1.78 -3.52
C2 HLT K . 13.24 -2.70 -2.91
F2 HLT K . 12.42 -2.10 -2.02
F3 HLT K . 12.51 -3.36 -3.81
C1 HLT K . 14.15 -3.67 -2.16
BR HLT K . 15.08 -4.71 -3.39
CL HLT K . 15.30 -2.78 -1.23
F1 HLT L . 0.53 -14.74 -22.19
C2 HLT L . 1.04 -13.54 -22.40
F2 HLT L . 2.24 -13.66 -22.90
F3 HLT L . 0.29 -12.86 -23.25
C1 HLT L . 1.12 -12.77 -21.10
BR HLT L . 0.96 -10.96 -21.53
CL HLT L . -0.24 -13.20 -20.11
F1 HLT M . -4.65 -21.83 -7.07
F1 HLT M . -5.46 -21.20 -5.31
C2 HLT M . -4.48 -22.15 -5.80
C2 HLT M . -4.63 -22.06 -4.71
F2 HLT M . -5.26 -21.39 -5.04
F2 HLT M . -4.37 -21.64 -3.47
F3 HLT M . -4.79 -23.44 -5.61
F3 HLT M . -5.22 -23.26 -4.66
C1 HLT M . -3.02 -21.92 -5.42
C1 HLT M . -3.31 -22.16 -5.52
BR HLT M . -2.92 -21.99 -3.53
BR HLT M . -2.13 -23.44 -4.74
CL HLT M . -2.01 -23.19 -6.13
CL HLT M . -3.68 -22.68 -7.15
#